data_2M61
#
_entry.id   2M61
#
_entity_poly.entity_id   1
_entity_poly.type   'polypeptide(L)'
_entity_poly.pdbx_seq_one_letter_code
;CCRLACGLGCH(HYP)CC(NH2)
;
_entity_poly.pdbx_strand_id   A
#
loop_
_chem_comp.id
_chem_comp.type
_chem_comp.name
_chem_comp.formula
NH2 non-polymer 'AMINO GROUP' 'H2 N'
#
# COMPACT_ATOMS: atom_id res chain seq x y z
N CYS A 1 6.97 -0.71 0.18
CA CYS A 1 5.60 -0.94 0.61
C CYS A 1 4.99 0.33 1.21
N CYS A 2 3.68 0.46 1.08
CA CYS A 2 2.96 1.62 1.60
C CYS A 2 2.02 1.21 2.75
N ARG A 3 1.82 2.14 3.68
CA ARG A 3 0.94 1.88 4.82
C ARG A 3 -0.48 2.35 4.53
N LEU A 4 -0.63 3.65 4.33
CA LEU A 4 -1.94 4.24 4.05
C LEU A 4 -2.18 4.31 2.55
N ALA A 5 -1.14 4.64 1.80
CA ALA A 5 -1.23 4.75 0.35
C ALA A 5 -1.22 3.37 -0.31
N CYS A 6 -1.16 2.33 0.52
CA CYS A 6 -1.14 0.96 0.02
C CYS A 6 -2.36 0.68 -0.85
N GLY A 7 -3.41 1.48 -0.67
CA GLY A 7 -4.62 1.30 -1.44
C GLY A 7 -4.52 1.90 -2.83
N LEU A 8 -3.48 2.70 -3.05
CA LEU A 8 -3.27 3.34 -4.34
C LEU A 8 -2.38 2.47 -5.24
N GLY A 9 -2.84 1.25 -5.50
CA GLY A 9 -2.08 0.34 -6.34
C GLY A 9 -0.75 -0.05 -5.72
N CYS A 10 -0.71 -0.07 -4.39
CA CYS A 10 0.51 -0.42 -3.68
C CYS A 10 0.24 -1.50 -2.63
N HIS A 11 0.30 -2.76 -3.05
CA HIS A 11 0.05 -3.87 -2.15
C HIS A 11 1.05 -5.00 -2.38
N HYP A 12 1.18 -5.89 -1.39
CA HYP A 12 0.42 -5.82 -0.15
C HYP A 12 0.84 -4.64 0.73
O HYP A 12 1.88 -4.02 0.49
CB HYP A 12 0.74 -7.15 0.55
CG HYP A 12 2.06 -7.54 0.01
CD HYP A 12 2.10 -7.05 -1.41
OD1 HYP A 12 2.16 -8.63 0.02
HA HYP A 12 -0.64 -5.75 -0.34
HB2 HYP A 12 0.77 -6.99 1.61
HB3 HYP A 12 -0.02 -7.87 0.31
HG HYP A 12 2.85 -7.09 0.59
HD22 HYP A 12 3.10 -6.74 -1.68
HD23 HYP A 12 1.74 -7.81 -2.09
HD1 HYP A 12 1.77 -8.89 -0.81
N CYS A 13 0.05 -4.35 1.75
CA CYS A 13 0.33 -3.26 2.66
C CYS A 13 1.19 -3.73 3.84
N CYS A 14 2.00 -2.83 4.38
CA CYS A 14 2.88 -3.18 5.49
C CYS A 14 2.16 -2.86 6.82
N NH2 A 15 2.19 -3.84 7.72
HN1 NH2 A 15 1.75 -3.71 8.61
HN2 NH2 A 15 2.67 -4.70 7.51
N CYS A 1 6.95 -1.03 0.21
CA CYS A 1 5.57 -1.23 0.62
C CYS A 1 4.99 0.03 1.24
N CYS A 2 3.68 0.21 1.11
CA CYS A 2 3.01 1.37 1.66
C CYS A 2 2.05 0.98 2.78
N ARG A 3 1.86 1.88 3.74
CA ARG A 3 0.97 1.63 4.86
C ARG A 3 -0.43 2.15 4.58
N LEU A 4 -0.54 3.46 4.41
CA LEU A 4 -1.84 4.08 4.13
C LEU A 4 -2.06 4.22 2.63
N ALA A 5 -1.00 4.52 1.89
CA ALA A 5 -1.08 4.67 0.45
C ALA A 5 -1.10 3.31 -0.24
N CYS A 6 -1.08 2.24 0.55
CA CYS A 6 -1.10 0.89 0.03
C CYS A 6 -2.32 0.67 -0.86
N GLY A 7 -3.35 1.48 -0.66
CA GLY A 7 -4.57 1.37 -1.45
C GLY A 7 -4.42 1.99 -2.83
N LEU A 8 -3.37 2.77 -3.02
CA LEU A 8 -3.12 3.43 -4.29
C LEU A 8 -2.26 2.55 -5.20
N GLY A 9 -2.75 1.36 -5.49
CA GLY A 9 -2.01 0.45 -6.35
C GLY A 9 -0.70 0.01 -5.74
N CYS A 10 -0.67 -0.05 -4.41
CA CYS A 10 0.54 -0.46 -3.69
C CYS A 10 0.23 -1.55 -2.67
N HIS A 11 0.24 -2.80 -3.11
CA HIS A 11 -0.04 -3.92 -2.23
C HIS A 11 0.93 -5.07 -2.50
N HYP A 12 1.03 -5.99 -1.53
CA HYP A 12 0.25 -5.93 -0.29
C HYP A 12 0.70 -4.79 0.62
O HYP A 12 1.76 -4.19 0.40
CB HYP A 12 0.52 -7.28 0.38
CG HYP A 12 1.84 -7.71 -0.16
CD HYP A 12 1.90 -7.17 -1.57
OD1 HYP A 12 1.90 -8.79 -0.18
HA HYP A 12 -0.81 -5.83 -0.49
HB2 HYP A 12 0.56 -7.16 1.45
HB3 HYP A 12 -0.26 -7.98 0.11
HG HYP A 12 2.64 -7.30 0.43
HD22 HYP A 12 2.92 -6.90 -1.83
HD23 HYP A 12 1.53 -7.91 -2.27
HD1 HYP A 12 1.52 -9.03 -1.02
N CYS A 13 -0.10 -4.49 1.64
CA CYS A 13 0.23 -3.43 2.58
C CYS A 13 1.05 -3.97 3.74
N CYS A 14 1.88 -3.10 4.32
CA CYS A 14 2.75 -3.49 5.44
C CYS A 14 2.02 -3.19 6.76
N NH2 A 15 2.03 -4.19 7.63
HN1 NH2 A 15 1.58 -4.08 8.53
HN2 NH2 A 15 2.47 -5.05 7.41
N CYS A 1 6.98 -1.11 -0.31
CA CYS A 1 5.63 -1.30 0.18
C CYS A 1 5.09 -0.02 0.83
N CYS A 2 3.79 0.16 0.76
CA CYS A 2 3.15 1.34 1.34
C CYS A 2 2.24 0.96 2.51
N ARG A 3 2.12 1.86 3.47
CA ARG A 3 1.28 1.61 4.64
C ARG A 3 -0.14 2.15 4.42
N LEU A 4 -0.24 3.46 4.26
CA LEU A 4 -1.54 4.10 4.04
C LEU A 4 -1.85 4.21 2.55
N ALA A 5 -0.81 4.52 1.76
CA ALA A 5 -0.98 4.66 0.32
C ALA A 5 -1.05 3.30 -0.36
N CYS A 6 -0.99 2.23 0.44
CA CYS A 6 -1.05 0.87 -0.08
C CYS A 6 -2.32 0.66 -0.90
N GLY A 7 -3.32 1.49 -0.66
CA GLY A 7 -4.57 1.38 -1.38
C GLY A 7 -4.51 1.99 -2.76
N LEU A 8 -3.45 2.77 -3.01
CA LEU A 8 -3.27 3.41 -4.30
C LEU A 8 -2.46 2.53 -5.25
N GLY A 9 -2.97 1.34 -5.51
CA GLY A 9 -2.29 0.41 -6.40
C GLY A 9 -0.95 -0.04 -5.84
N CYS A 10 -0.85 -0.09 -4.52
CA CYS A 10 0.39 -0.50 -3.87
C CYS A 10 0.12 -1.58 -2.82
N HIS A 11 0.10 -2.83 -3.27
CA HIS A 11 -0.14 -3.96 -2.37
C HIS A 11 0.81 -5.12 -2.67
N HYP A 12 0.95 -6.04 -1.71
CA HYP A 12 0.24 -5.95 -0.43
C HYP A 12 0.75 -4.82 0.44
O HYP A 12 1.79 -4.22 0.17
CB HYP A 12 0.53 -7.30 0.23
CG HYP A 12 1.81 -7.75 -0.38
CD HYP A 12 1.81 -7.22 -1.79
OD1 HYP A 12 1.87 -8.82 -0.38
HA HYP A 12 -0.83 -5.85 -0.57
HB2 HYP A 12 0.62 -7.18 1.30
HB3 HYP A 12 -0.26 -8.00 0.00
HG HYP A 12 2.65 -7.34 0.17
HD22 HYP A 12 2.82 -6.96 -2.10
HD23 HYP A 12 1.40 -7.95 -2.46
HD1 HYP A 12 1.44 -9.06 -1.20
N CYS A 13 0.01 -4.51 1.51
CA CYS A 13 0.38 -3.44 2.43
C CYS A 13 1.26 -3.98 3.55
N CYS A 14 2.13 -3.11 4.08
CA CYS A 14 3.05 -3.51 5.14
C CYS A 14 2.39 -3.20 6.50
N NH2 A 15 2.44 -4.19 7.38
HN1 NH2 A 15 2.03 -4.07 8.29
HN2 NH2 A 15 2.86 -5.06 7.14
N CYS A 1 7.00 -0.71 -0.20
CA CYS A 1 5.65 -0.94 0.29
C CYS A 1 5.06 0.33 0.90
N CYS A 2 3.73 0.46 0.82
CA CYS A 2 3.05 1.62 1.37
C CYS A 2 2.16 1.22 2.53
N ARG A 3 1.97 2.15 3.48
CA ARG A 3 1.14 1.89 4.64
C ARG A 3 -0.29 2.37 4.41
N LEU A 4 -0.45 3.67 4.21
CA LEU A 4 -1.77 4.25 3.96
C LEU A 4 -2.06 4.32 2.48
N ALA A 5 -1.05 4.64 1.69
CA ALA A 5 -1.19 4.74 0.24
C ALA A 5 -1.21 3.36 -0.41
N CYS A 6 -1.11 2.32 0.42
CA CYS A 6 -1.11 0.95 -0.08
C CYS A 6 -2.36 0.67 -0.89
N GLY A 7 -3.40 1.47 -0.68
CA GLY A 7 -4.64 1.29 -1.40
C GLY A 7 -4.58 1.87 -2.80
N LEU A 8 -3.57 2.68 -3.06
CA LEU A 8 -3.40 3.31 -4.37
C LEU A 8 -2.55 2.43 -5.28
N GLY A 9 -3.00 1.21 -5.53
CA GLY A 9 -2.28 0.30 -6.39
C GLY A 9 -0.92 -0.08 -5.82
N CYS A 10 -0.83 -0.10 -4.50
CA CYS A 10 0.41 -0.45 -3.82
C CYS A 10 0.18 -1.52 -2.75
N HIS A 11 0.21 -2.78 -3.17
CA HIS A 11 0.00 -3.88 -2.25
C HIS A 11 1.00 -5.01 -2.51
N HYP A 12 1.17 -5.91 -1.53
CA HYP A 12 0.45 -5.82 -0.26
C HYP A 12 0.91 -4.64 0.60
O HYP A 12 1.93 -4.01 0.31
CB HYP A 12 0.79 -7.15 0.44
CG HYP A 12 2.09 -7.55 -0.16
CD HYP A 12 2.08 -7.06 -1.58
OD1 HYP A 12 2.19 -8.63 -0.13
HA HYP A 12 -0.62 -5.76 -0.42
HB2 HYP A 12 0.86 -6.99 1.50
HB3 HYP A 12 0.02 -7.87 0.22
HG HYP A 12 2.90 -7.10 0.40
HD22 HYP A 12 3.08 -6.76 -1.88
HD23 HYP A 12 1.70 -7.82 -2.24
HD1 HYP A 12 1.77 -8.90 -0.96
N CYS A 13 0.14 -4.35 1.65
CA CYS A 13 0.46 -3.24 2.54
C CYS A 13 1.36 -3.71 3.68
N CYS A 14 2.19 -2.82 4.19
CA CYS A 14 3.11 -3.15 5.28
C CYS A 14 2.44 -2.83 6.62
N NH2 A 15 2.51 -3.81 7.53
HN1 NH2 A 15 2.09 -3.68 8.43
HN2 NH2 A 15 2.97 -4.66 7.31
N CYS A 1 7.03 -0.84 -0.46
CA CYS A 1 5.69 -1.06 0.08
C CYS A 1 5.15 0.22 0.70
N CYS A 2 3.82 0.37 0.67
CA CYS A 2 3.18 1.54 1.24
C CYS A 2 2.31 1.15 2.44
N ARG A 3 2.18 2.07 3.40
CA ARG A 3 1.39 1.84 4.58
C ARG A 3 -0.04 2.33 4.40
N LEU A 4 -0.20 3.64 4.21
CA LEU A 4 -1.51 4.24 4.01
C LEU A 4 -1.86 4.32 2.53
N ALA A 5 -0.86 4.63 1.71
CA ALA A 5 -1.06 4.73 0.27
C ALA A 5 -1.11 3.35 -0.38
N CYS A 6 -1.00 2.31 0.44
CA CYS A 6 -1.04 0.94 -0.05
C CYS A 6 -2.33 0.68 -0.84
N GLY A 7 -3.35 1.48 -0.58
CA GLY A 7 -4.62 1.32 -1.27
C GLY A 7 -4.59 1.92 -2.67
N LEU A 8 -3.57 2.71 -2.95
CA LEU A 8 -3.44 3.34 -4.27
C LEU A 8 -2.63 2.45 -5.21
N GLY A 9 -3.12 1.24 -5.44
CA GLY A 9 -2.43 0.32 -6.33
C GLY A 9 -1.07 -0.08 -5.80
N CYS A 10 -0.92 -0.10 -4.48
CA CYS A 10 0.33 -0.48 -3.85
C CYS A 10 0.12 -1.54 -2.79
N HIS A 11 0.12 -2.80 -3.20
CA HIS A 11 -0.07 -3.91 -2.28
C HIS A 11 0.90 -5.04 -2.58
N HYP A 12 1.09 -5.94 -1.60
CA HYP A 12 0.41 -5.86 -0.31
C HYP A 12 0.91 -4.68 0.54
O HYP A 12 1.93 -4.08 0.22
CB HYP A 12 0.75 -7.19 0.36
CG HYP A 12 2.04 -7.61 -0.26
CD HYP A 12 1.98 -7.11 -1.69
OD1 HYP A 12 2.11 -8.69 -0.24
HA HYP A 12 -0.66 -5.78 -0.42
HB2 HYP A 12 0.87 -7.03 1.44
HB3 HYP A 12 -0.03 -7.91 0.18
HG HYP A 12 2.86 -7.16 0.26
HD22 HYP A 12 2.96 -6.83 -2.02
HD23 HYP A 12 1.56 -7.88 -2.33
HD1 HYP A 12 1.66 -8.95 -1.06
N CYS A 13 0.19 -4.39 1.61
CA CYS A 13 0.56 -3.29 2.49
C CYS A 13 1.48 -3.78 3.61
N CYS A 14 2.33 -2.89 4.09
CA CYS A 14 3.30 -3.24 5.14
C CYS A 14 2.67 -2.92 6.51
N NH2 A 15 2.76 -3.89 7.41
HN1 NH2 A 15 2.38 -3.76 8.33
HN2 NH2 A 15 3.20 -4.75 7.17
N CYS A 1 6.95 -0.96 0.12
CA CYS A 1 5.56 -1.17 0.55
C CYS A 1 4.99 0.10 1.16
N CYS A 2 3.68 0.27 1.05
CA CYS A 2 3.00 1.44 1.59
C CYS A 2 2.05 1.05 2.71
N ARG A 3 1.86 1.95 3.67
CA ARG A 3 0.98 1.71 4.80
C ARG A 3 -0.43 2.21 4.52
N LEU A 4 -0.55 3.53 4.33
CA LEU A 4 -1.84 4.15 4.06
C LEU A 4 -2.08 4.26 2.56
N ALA A 5 -1.03 4.56 1.81
CA ALA A 5 -1.12 4.69 0.37
C ALA A 5 -1.14 3.32 -0.31
N CYS A 6 -1.11 2.27 0.50
CA CYS A 6 -1.12 0.90 -0.02
C CYS A 6 -2.35 0.66 -0.89
N GLY A 7 -3.38 1.48 -0.69
CA GLY A 7 -4.59 1.34 -1.47
C GLY A 7 -4.46 1.95 -2.85
N LEU A 8 -3.42 2.74 -3.06
CA LEU A 8 -3.19 3.39 -4.35
C LEU A 8 -2.33 2.51 -5.25
N GLY A 9 -2.81 1.30 -5.53
CA GLY A 9 -2.07 0.39 -6.38
C GLY A 9 -0.76 -0.03 -5.77
N CYS A 10 -0.71 -0.08 -4.44
CA CYS A 10 0.51 -0.47 -3.73
C CYS A 10 0.20 -1.55 -2.69
N HIS A 11 0.23 -2.80 -3.12
CA HIS A 11 -0.04 -3.93 -2.24
C HIS A 11 0.93 -5.07 -2.48
N HYP A 12 1.05 -5.98 -1.51
CA HYP A 12 0.27 -5.91 -0.27
C HYP A 12 0.73 -4.76 0.62
O HYP A 12 1.77 -4.15 0.39
CB HYP A 12 0.56 -7.25 0.41
CG HYP A 12 1.87 -7.68 -0.14
CD HYP A 12 1.92 -7.16 -1.55
OD1 HYP A 12 1.94 -8.76 -0.13
HA HYP A 12 -0.79 -5.81 -0.46
HB2 HYP A 12 0.60 -7.12 1.48
HB3 HYP A 12 -0.22 -7.96 0.15
HG HYP A 12 2.67 -7.25 0.45
HD22 HYP A 12 2.94 -6.88 -1.81
HD23 HYP A 12 1.55 -7.91 -2.24
HD1 HYP A 12 1.55 -9.01 -0.98
N CYS A 13 -0.06 -4.45 1.66
CA CYS A 13 0.25 -3.38 2.58
C CYS A 13 1.09 -3.90 3.74
N CYS A 14 1.92 -3.02 4.30
CA CYS A 14 2.80 -3.40 5.41
C CYS A 14 2.09 -3.08 6.73
N NH2 A 15 2.10 -4.08 7.62
HN1 NH2 A 15 1.65 -3.95 8.51
HN2 NH2 A 15 2.55 -4.94 7.41
N CYS A 1 7.00 -1.12 -0.28
CA CYS A 1 5.64 -1.31 0.21
C CYS A 1 5.10 -0.05 0.87
N CYS A 2 3.79 0.14 0.80
CA CYS A 2 3.15 1.31 1.39
C CYS A 2 2.25 0.91 2.55
N ARG A 3 2.11 1.81 3.53
CA ARG A 3 1.27 1.55 4.70
C ARG A 3 -0.13 2.09 4.48
N LEU A 4 -0.24 3.40 4.33
CA LEU A 4 -1.54 4.05 4.12
C LEU A 4 -1.84 4.18 2.63
N ALA A 5 -0.82 4.49 1.84
CA ALA A 5 -0.98 4.63 0.41
C ALA A 5 -1.05 3.27 -0.29
N CYS A 6 -0.99 2.21 0.50
CA CYS A 6 -1.05 0.86 -0.03
C CYS A 6 -2.31 0.66 -0.86
N GLY A 7 -3.32 1.48 -0.60
CA GLY A 7 -4.57 1.38 -1.33
C GLY A 7 -4.50 2.01 -2.71
N LEU A 8 -3.45 2.78 -2.95
CA LEU A 8 -3.26 3.44 -4.23
C LEU A 8 -2.45 2.57 -5.18
N GLY A 9 -2.97 1.37 -5.46
CA GLY A 9 -2.28 0.46 -6.36
C GLY A 9 -0.94 0.01 -5.81
N CYS A 10 -0.84 -0.06 -4.49
CA CYS A 10 0.40 -0.48 -3.84
C CYS A 10 0.12 -1.57 -2.80
N HIS A 11 0.11 -2.82 -3.26
CA HIS A 11 -0.14 -3.95 -2.38
C HIS A 11 0.81 -5.10 -2.69
N HYP A 12 0.96 -6.03 -1.73
CA HYP A 12 0.24 -5.96 -0.45
C HYP A 12 0.75 -4.84 0.44
O HYP A 12 1.79 -4.23 0.17
CB HYP A 12 0.53 -7.32 0.19
CG HYP A 12 1.82 -7.76 -0.42
CD HYP A 12 1.81 -7.22 -1.83
OD1 HYP A 12 1.86 -8.84 -0.43
HA HYP A 12 -0.83 -5.85 -0.60
HB2 HYP A 12 0.62 -7.20 1.26
HB3 HYP A 12 -0.27 -8.01 -0.03
HG HYP A 12 2.65 -7.35 0.14
HD22 HYP A 12 2.82 -6.95 -2.12
HD23 HYP A 12 1.39 -7.94 -2.50
HD1 HYP A 12 1.44 -9.07 -1.26
N CYS A 13 0.00 -4.54 1.50
CA CYS A 13 0.37 -3.49 2.42
C CYS A 13 1.26 -4.03 3.55
N CYS A 14 2.12 -3.18 4.09
CA CYS A 14 3.04 -3.59 5.15
C CYS A 14 2.39 -3.28 6.51
N NH2 A 15 2.43 -4.28 7.38
HN1 NH2 A 15 2.02 -4.17 8.29
HN2 NH2 A 15 2.85 -5.15 7.13
N CYS A 1 7.04 -0.86 -0.58
CA CYS A 1 5.70 -1.07 -0.03
C CYS A 1 5.16 0.21 0.60
N CYS A 2 3.84 0.35 0.59
CA CYS A 2 3.20 1.53 1.16
C CYS A 2 2.36 1.15 2.37
N ARG A 3 2.24 2.08 3.32
CA ARG A 3 1.46 1.85 4.53
C ARG A 3 0.03 2.34 4.36
N LEU A 4 -0.13 3.65 4.16
CA LEU A 4 -1.44 4.24 3.98
C LEU A 4 -1.81 4.32 2.50
N ALA A 5 -0.82 4.62 1.66
CA ALA A 5 -1.04 4.71 0.23
C ALA A 5 -1.11 3.34 -0.41
N CYS A 6 -0.98 2.30 0.41
CA CYS A 6 -1.03 0.92 -0.07
C CYS A 6 -2.33 0.66 -0.84
N GLY A 7 -3.34 1.47 -0.57
CA GLY A 7 -4.62 1.31 -1.23
C GLY A 7 -4.62 1.88 -2.64
N LEU A 8 -3.60 2.68 -2.95
CA LEU A 8 -3.48 3.30 -4.26
C LEU A 8 -2.69 2.41 -5.22
N GLY A 9 -3.19 1.20 -5.43
CA GLY A 9 -2.51 0.27 -6.32
C GLY A 9 -1.14 -0.13 -5.81
N CYS A 10 -0.98 -0.14 -4.49
CA CYS A 10 0.29 -0.51 -3.88
C CYS A 10 0.08 -1.57 -2.80
N HIS A 11 0.09 -2.83 -3.21
CA HIS A 11 -0.10 -3.94 -2.28
C HIS A 11 0.87 -5.08 -2.60
N HYP A 12 1.07 -5.97 -1.61
CA HYP A 12 0.41 -5.88 -0.31
C HYP A 12 0.93 -4.70 0.52
O HYP A 12 1.94 -4.09 0.19
CB HYP A 12 0.77 -7.20 0.37
CG HYP A 12 2.04 -7.63 -0.28
CD HYP A 12 1.97 -7.14 -1.69
OD1 HYP A 12 2.12 -8.70 -0.26
HA HYP A 12 -0.66 -5.80 -0.41
HB2 HYP A 12 0.90 -7.04 1.43
HB3 HYP A 12 -0.02 -7.92 0.20
HG HYP A 12 2.88 -7.17 0.22
HD22 HYP A 12 2.94 -6.85 -2.05
HD23 HYP A 12 1.54 -7.90 -2.34
HD1 HYP A 12 1.66 -8.97 -1.06
N CYS A 13 0.22 -4.38 1.60
CA CYS A 13 0.61 -3.28 2.48
C CYS A 13 1.54 -3.78 3.58
N CYS A 14 2.41 -2.88 4.05
CA CYS A 14 3.38 -3.22 5.08
C CYS A 14 2.77 -2.89 6.46
N NH2 A 15 2.88 -3.86 7.36
HN1 NH2 A 15 2.50 -3.73 8.28
HN2 NH2 A 15 3.31 -4.72 7.12
N CYS A 1 6.96 -1.02 0.13
CA CYS A 1 5.58 -1.22 0.56
C CYS A 1 5.02 0.05 1.19
N CYS A 2 3.70 0.22 1.07
CA CYS A 2 3.03 1.39 1.62
C CYS A 2 2.08 0.99 2.75
N ARG A 3 1.90 1.89 3.71
CA ARG A 3 1.02 1.64 4.84
C ARG A 3 -0.39 2.16 4.57
N LEU A 4 -0.50 3.47 4.41
CA LEU A 4 -1.79 4.10 4.13
C LEU A 4 -2.03 4.23 2.63
N ALA A 5 -0.97 4.53 1.89
CA ALA A 5 -1.07 4.68 0.45
C ALA A 5 -1.10 3.32 -0.24
N CYS A 6 -1.07 2.25 0.55
CA CYS A 6 -1.10 0.90 0.02
C CYS A 6 -2.33 0.68 -0.85
N GLY A 7 -3.35 1.50 -0.64
CA GLY A 7 -4.57 1.38 -1.41
C GLY A 7 -4.44 2.00 -2.80
N LEU A 8 -3.39 2.79 -2.99
CA LEU A 8 -3.16 3.44 -4.27
C LEU A 8 -2.30 2.57 -5.19
N GLY A 9 -2.80 1.37 -5.48
CA GLY A 9 -2.06 0.46 -6.35
C GLY A 9 -0.75 0.02 -5.74
N CYS A 10 -0.70 -0.04 -4.42
CA CYS A 10 0.51 -0.45 -3.70
C CYS A 10 0.21 -1.53 -2.68
N HIS A 11 0.22 -2.78 -3.13
CA HIS A 11 -0.05 -3.91 -2.25
C HIS A 11 0.92 -5.06 -2.52
N HYP A 12 1.02 -5.99 -1.55
CA HYP A 12 0.26 -5.91 -0.31
C HYP A 12 0.72 -4.78 0.60
O HYP A 12 1.77 -4.18 0.37
CB HYP A 12 0.54 -7.27 0.36
CG HYP A 12 1.85 -7.70 -0.19
CD HYP A 12 1.90 -7.16 -1.60
OD1 HYP A 12 1.91 -8.78 -0.20
HA HYP A 12 -0.80 -5.81 -0.49
HB2 HYP A 12 0.58 -7.15 1.43
HB3 HYP A 12 -0.25 -7.96 0.10
HG HYP A 12 2.65 -7.27 0.39
HD22 HYP A 12 2.92 -6.88 -1.86
HD23 HYP A 12 1.52 -7.90 -2.30
HD1 HYP A 12 1.52 -9.02 -1.05
N CYS A 13 -0.07 -4.49 1.62
CA CYS A 13 0.26 -3.42 2.57
C CYS A 13 1.10 -3.96 3.72
N CYS A 14 1.93 -3.09 4.30
CA CYS A 14 2.81 -3.48 5.40
C CYS A 14 2.10 -3.18 6.73
N NH2 A 15 2.11 -4.17 7.61
HN1 NH2 A 15 1.67 -4.07 8.50
HN2 NH2 A 15 2.55 -5.04 7.37
N CYS A 1 7.00 -1.03 -0.49
CA CYS A 1 5.66 -1.23 0.03
C CYS A 1 5.14 0.06 0.68
N CYS A 2 3.82 0.22 0.65
CA CYS A 2 3.19 1.40 1.22
C CYS A 2 2.32 1.03 2.42
N ARG A 3 2.21 1.94 3.37
CA ARG A 3 1.40 1.72 4.57
C ARG A 3 -0.01 2.23 4.38
N LEU A 4 -0.14 3.54 4.20
CA LEU A 4 -1.45 4.16 4.01
C LEU A 4 -1.79 4.26 2.52
N ALA A 5 -0.79 4.56 1.70
CA ALA A 5 -0.98 4.68 0.26
C ALA A 5 -1.06 3.30 -0.39
N CYS A 6 -0.98 2.25 0.43
CA CYS A 6 -1.03 0.88 -0.08
C CYS A 6 -2.33 0.65 -0.86
N GLY A 7 -3.32 1.48 -0.60
CA GLY A 7 -4.60 1.34 -1.29
C GLY A 7 -4.56 1.93 -2.68
N LEU A 8 -3.53 2.71 -2.96
CA LEU A 8 -3.39 3.35 -4.28
C LEU A 8 -2.60 2.46 -5.22
N GLY A 9 -3.11 1.26 -5.47
CA GLY A 9 -2.44 0.33 -6.35
C GLY A 9 -1.08 -0.10 -5.83
N CYS A 10 -0.94 -0.13 -4.51
CA CYS A 10 0.32 -0.53 -3.89
C CYS A 10 0.08 -1.60 -2.82
N HIS A 11 0.07 -2.85 -3.24
CA HIS A 11 -0.15 -3.97 -2.33
C HIS A 11 0.80 -5.12 -2.64
N HYP A 12 0.98 -6.03 -1.67
CA HYP A 12 0.30 -5.93 -0.37
C HYP A 12 0.82 -4.78 0.48
O HYP A 12 1.86 -4.19 0.16
CB HYP A 12 0.62 -7.27 0.30
CG HYP A 12 1.89 -7.71 -0.34
CD HYP A 12 1.85 -7.21 -1.75
OD1 HYP A 12 1.96 -8.79 -0.33
HA HYP A 12 -0.77 -5.83 -0.49
HB2 HYP A 12 0.74 -7.13 1.36
HB3 HYP A 12 -0.17 -7.97 0.11
HG HYP A 12 2.74 -7.29 0.18
HD22 HYP A 12 2.83 -6.93 -2.09
HD23 HYP A 12 1.42 -7.96 -2.41
HD1 HYP A 12 1.51 -9.05 -1.14
N CYS A 13 0.11 -4.47 1.55
CA CYS A 13 0.49 -3.39 2.44
C CYS A 13 1.42 -3.89 3.55
N CYS A 14 2.28 -3.03 4.05
CA CYS A 14 3.23 -3.40 5.10
C CYS A 14 2.61 -3.07 6.46
N NH2 A 15 2.69 -4.04 7.36
HN1 NH2 A 15 2.31 -3.92 8.27
HN2 NH2 A 15 3.11 -4.92 7.11
N CYS A 1 6.95 -0.99 0.07
CA CYS A 1 5.57 -1.20 0.51
C CYS A 1 4.99 0.08 1.12
N CYS A 2 3.68 0.25 1.02
CA CYS A 2 3.01 1.42 1.55
C CYS A 2 2.07 1.03 2.69
N ARG A 3 1.89 1.95 3.64
CA ARG A 3 1.02 1.70 4.78
C ARG A 3 -0.39 2.21 4.51
N LEU A 4 -0.51 3.52 4.32
CA LEU A 4 -1.80 4.14 4.05
C LEU A 4 -2.06 4.25 2.55
N ALA A 5 -1.00 4.55 1.81
CA ALA A 5 -1.10 4.68 0.36
C ALA A 5 -1.13 3.31 -0.32
N CYS A 6 -1.09 2.26 0.49
CA CYS A 6 -1.12 0.90 -0.02
C CYS A 6 -2.35 0.66 -0.89
N GLY A 7 -3.37 1.48 -0.68
CA GLY A 7 -4.59 1.35 -1.46
C GLY A 7 -4.48 1.95 -2.83
N LEU A 8 -3.43 2.75 -3.05
CA LEU A 8 -3.21 3.39 -4.34
C LEU A 8 -2.35 2.51 -5.24
N GLY A 9 -2.84 1.30 -5.52
CA GLY A 9 -2.11 0.38 -6.37
C GLY A 9 -0.79 -0.05 -5.77
N CYS A 10 -0.73 -0.08 -4.45
CA CYS A 10 0.48 -0.49 -3.75
C CYS A 10 0.18 -1.56 -2.70
N HIS A 11 0.20 -2.82 -3.14
CA HIS A 11 -0.07 -3.94 -2.25
C HIS A 11 0.90 -5.09 -2.50
N HYP A 12 1.02 -5.99 -1.53
CA HYP A 12 0.26 -5.92 -0.28
C HYP A 12 0.72 -4.77 0.62
O HYP A 12 1.76 -4.16 0.37
CB HYP A 12 0.54 -7.26 0.40
CG HYP A 12 1.85 -7.69 -0.16
CD HYP A 12 1.90 -7.17 -1.57
OD1 HYP A 12 1.92 -8.77 -0.15
HA HYP A 12 -0.80 -5.82 -0.46
HB2 HYP A 12 0.58 -7.13 1.47
HB3 HYP A 12 -0.24 -7.97 0.14
HG HYP A 12 2.65 -7.26 0.42
HD22 HYP A 12 2.91 -6.90 -1.84
HD23 HYP A 12 1.52 -7.92 -2.25
HD1 HYP A 12 1.52 -9.03 -0.99
N CYS A 13 -0.06 -4.47 1.64
CA CYS A 13 0.26 -3.39 2.57
C CYS A 13 1.11 -3.90 3.72
N CYS A 14 1.94 -3.03 4.28
CA CYS A 14 2.82 -3.41 5.38
C CYS A 14 2.11 -3.09 6.71
N NH2 A 15 2.13 -4.09 7.61
HN1 NH2 A 15 1.69 -3.97 8.49
HN2 NH2 A 15 2.58 -4.95 7.38
N CYS A 1 7.03 -0.65 -0.52
CA CYS A 1 5.70 -0.88 0.01
C CYS A 1 5.13 0.38 0.64
N CYS A 2 3.80 0.50 0.61
CA CYS A 2 3.13 1.67 1.17
C CYS A 2 2.28 1.28 2.37
N ARG A 3 2.14 2.22 3.31
CA ARG A 3 1.36 1.97 4.51
C ARG A 3 -0.09 2.43 4.33
N LEU A 4 -0.27 3.73 4.12
CA LEU A 4 -1.60 4.30 3.92
C LEU A 4 -1.95 4.36 2.45
N ALA A 5 -0.96 4.68 1.61
CA ALA A 5 -1.17 4.75 0.17
C ALA A 5 -1.20 3.37 -0.46
N CYS A 6 -1.06 2.34 0.37
CA CYS A 6 -1.08 0.96 -0.10
C CYS A 6 -2.35 0.67 -0.88
N GLY A 7 -3.40 1.45 -0.63
CA GLY A 7 -4.65 1.26 -1.30
C GLY A 7 -4.65 1.83 -2.70
N LEU A 8 -3.66 2.65 -3.01
CA LEU A 8 -3.54 3.25 -4.33
C LEU A 8 -2.72 2.37 -5.27
N GLY A 9 -3.19 1.14 -5.48
CA GLY A 9 -2.48 0.23 -6.35
C GLY A 9 -1.11 -0.14 -5.83
N CYS A 10 -0.97 -0.14 -4.52
CA CYS A 10 0.31 -0.47 -3.89
C CYS A 10 0.13 -1.53 -2.80
N HIS A 11 0.15 -2.80 -3.20
CA HIS A 11 -0.01 -3.90 -2.27
C HIS A 11 0.99 -5.01 -2.55
N HYP A 12 1.19 -5.89 -1.56
CA HYP A 12 0.51 -5.81 -0.27
C HYP A 12 1.00 -4.61 0.56
O HYP A 12 2.01 -3.98 0.23
CB HYP A 12 0.89 -7.12 0.43
CG HYP A 12 2.18 -7.52 -0.21
CD HYP A 12 2.10 -7.04 -1.64
OD1 HYP A 12 2.28 -8.60 -0.18
HA HYP A 12 -0.56 -5.75 -0.39
HB2 HYP A 12 1.01 -6.95 1.48
HB3 HYP A 12 0.13 -7.85 0.26
HG HYP A 12 3.01 -7.05 0.30
HD22 HYP A 12 3.08 -6.74 -1.98
HD23 HYP A 12 1.70 -7.82 -2.27
HD1 HYP A 12 1.84 -8.89 -0.99
N CYS A 13 0.27 -4.31 1.63
CA CYS A 13 0.63 -3.20 2.50
C CYS A 13 1.57 -3.65 3.61
N CYS A 14 2.40 -2.74 4.08
CA CYS A 14 3.37 -3.05 5.13
C CYS A 14 2.76 -2.72 6.50
N NH2 A 15 2.87 -3.68 7.41
HN1 NH2 A 15 2.48 -3.54 8.32
HN2 NH2 A 15 3.32 -4.54 7.18
N CYS A 1 7.02 -1.01 -0.42
CA CYS A 1 5.67 -1.21 0.09
C CYS A 1 5.14 0.07 0.73
N CYS A 2 3.82 0.24 0.70
CA CYS A 2 3.18 1.42 1.26
C CYS A 2 2.31 1.04 2.45
N ARG A 3 2.18 1.95 3.41
CA ARG A 3 1.37 1.72 4.59
C ARG A 3 -0.05 2.24 4.40
N LEU A 4 -0.17 3.54 4.21
CA LEU A 4 -1.47 4.17 4.02
C LEU A 4 -1.82 4.27 2.53
N ALA A 5 -0.80 4.56 1.72
CA ALA A 5 -0.98 4.69 0.28
C ALA A 5 -1.05 3.31 -0.39
N CYS A 6 -0.97 2.27 0.42
CA CYS A 6 -1.03 0.90 -0.08
C CYS A 6 -2.31 0.67 -0.88
N GLY A 7 -3.31 1.50 -0.62
CA GLY A 7 -4.58 1.36 -1.32
C GLY A 7 -4.53 1.96 -2.71
N LEU A 8 -3.50 2.75 -2.99
CA LEU A 8 -3.34 3.38 -4.29
C LEU A 8 -2.54 2.49 -5.24
N GLY A 9 -3.05 1.29 -5.49
CA GLY A 9 -2.37 0.36 -6.37
C GLY A 9 -1.02 -0.06 -5.84
N CYS A 10 -0.89 -0.11 -4.51
CA CYS A 10 0.36 -0.50 -3.88
C CYS A 10 0.12 -1.58 -2.81
N HIS A 11 0.10 -2.83 -3.25
CA HIS A 11 -0.12 -3.94 -2.33
C HIS A 11 0.84 -5.09 -2.64
N HYP A 12 1.00 -6.00 -1.67
CA HYP A 12 0.32 -5.92 -0.38
C HYP A 12 0.83 -4.77 0.48
O HYP A 12 1.86 -4.17 0.17
CB HYP A 12 0.63 -7.26 0.29
CG HYP A 12 1.90 -7.69 -0.34
CD HYP A 12 1.88 -7.18 -1.76
OD1 HYP A 12 1.97 -8.78 -0.33
HA HYP A 12 -0.76 -5.82 -0.50
HB2 HYP A 12 0.74 -7.11 1.35
HB3 HYP A 12 -0.17 -7.96 0.09
HG HYP A 12 2.74 -7.27 0.20
HD22 HYP A 12 2.87 -6.91 -2.08
HD23 HYP A 12 1.45 -7.93 -2.42
HD1 HYP A 12 1.53 -9.03 -1.14
N CYS A 13 0.10 -4.45 1.55
CA CYS A 13 0.48 -3.38 2.44
C CYS A 13 1.38 -3.89 3.57
N CYS A 14 2.25 -3.01 4.06
CA CYS A 14 3.19 -3.40 5.12
C CYS A 14 2.56 -3.07 6.48
N NH2 A 15 2.62 -4.05 7.37
HN1 NH2 A 15 2.23 -3.93 8.29
HN2 NH2 A 15 3.05 -4.92 7.13
N CYS A 1 6.93 -1.03 0.37
CA CYS A 1 5.55 -1.24 0.76
C CYS A 1 4.96 0.02 1.39
N CYS A 2 3.66 0.20 1.24
CA CYS A 2 2.97 1.37 1.78
C CYS A 2 2.00 0.96 2.88
N ARG A 3 1.79 1.86 3.84
CA ARG A 3 0.88 1.59 4.95
C ARG A 3 -0.52 2.12 4.64
N LEU A 4 -0.63 3.43 4.48
CA LEU A 4 -1.91 4.06 4.18
C LEU A 4 -2.11 4.20 2.68
N ALA A 5 -1.03 4.50 1.96
CA ALA A 5 -1.10 4.66 0.52
C ALA A 5 -1.11 3.31 -0.18
N CYS A 6 -1.10 2.24 0.61
CA CYS A 6 -1.11 0.88 0.07
C CYS A 6 -2.31 0.68 -0.84
N GLY A 7 -3.34 1.49 -0.65
CA GLY A 7 -4.55 1.38 -1.46
C GLY A 7 -4.38 2.01 -2.83
N LEU A 8 -3.33 2.80 -2.99
CA LEU A 8 -3.06 3.46 -4.27
C LEU A 8 -2.18 2.59 -5.16
N GLY A 9 -2.67 1.40 -5.47
CA GLY A 9 -1.91 0.50 -6.32
C GLY A 9 -0.61 0.05 -5.69
N CYS A 10 -0.60 -0.02 -4.36
CA CYS A 10 0.60 -0.43 -3.63
C CYS A 10 0.26 -1.53 -2.62
N HIS A 11 0.28 -2.77 -3.08
CA HIS A 11 -0.01 -3.91 -2.21
C HIS A 11 0.97 -5.05 -2.46
N HYP A 12 1.05 -5.99 -1.50
CA HYP A 12 0.25 -5.92 -0.26
C HYP A 12 0.68 -4.79 0.66
O HYP A 12 1.74 -4.19 0.46
CB HYP A 12 0.51 -7.29 0.39
CG HYP A 12 1.83 -7.71 -0.14
CD HYP A 12 1.92 -7.17 -1.54
OD1 HYP A 12 1.89 -8.78 -0.15
HA HYP A 12 -0.81 -5.83 -0.49
HB2 HYP A 12 0.52 -7.16 1.46
HB3 HYP A 12 -0.27 -7.98 0.10
HG HYP A 12 2.62 -7.29 0.48
HD22 HYP A 12 2.94 -6.89 -1.76
HD23 HYP A 12 1.56 -7.89 -2.25
HD1 HYP A 12 1.52 -9.02 -1.01
N CYS A 13 -0.13 -4.50 1.66
CA CYS A 13 0.17 -3.45 2.62
C CYS A 13 0.98 -3.99 3.80
N CYS A 14 1.80 -3.14 4.39
CA CYS A 14 2.64 -3.54 5.51
C CYS A 14 1.90 -3.24 6.82
N NH2 A 15 1.89 -4.25 7.70
HN1 NH2 A 15 1.42 -4.14 8.58
HN2 NH2 A 15 2.34 -5.11 7.47
N CYS A 1 7.14 -0.70 -0.67
CA CYS A 1 5.82 -0.94 -0.10
C CYS A 1 5.28 0.34 0.54
N CYS A 2 3.95 0.48 0.55
CA CYS A 2 3.30 1.65 1.13
C CYS A 2 2.49 1.27 2.36
N ARG A 3 2.38 2.20 3.30
CA ARG A 3 1.62 1.97 4.52
C ARG A 3 0.19 2.44 4.38
N LEU A 4 0.01 3.74 4.17
CA LEU A 4 -1.32 4.32 4.01
C LEU A 4 -1.72 4.37 2.54
N ALA A 5 -0.75 4.68 1.68
CA ALA A 5 -0.99 4.76 0.25
C ALA A 5 -1.06 3.38 -0.38
N CYS A 6 -0.91 2.35 0.45
CA CYS A 6 -0.94 0.97 -0.03
C CYS A 6 -2.25 0.68 -0.76
N GLY A 7 -3.27 1.48 -0.48
CA GLY A 7 -4.56 1.29 -1.12
C GLY A 7 -4.59 1.86 -2.52
N LEU A 8 -3.58 2.67 -2.86
CA LEU A 8 -3.50 3.28 -4.18
C LEU A 8 -2.72 2.40 -5.14
N GLY A 9 -3.21 1.17 -5.33
CA GLY A 9 -2.54 0.24 -6.23
C GLY A 9 -1.15 -0.13 -5.75
N CYS A 10 -0.97 -0.14 -4.44
CA CYS A 10 0.32 -0.48 -3.84
C CYS A 10 0.16 -1.53 -2.75
N HIS A 11 0.17 -2.80 -3.15
CA HIS A 11 0.01 -3.90 -2.20
C HIS A 11 1.00 -5.02 -2.52
N HYP A 12 1.22 -5.91 -1.54
CA HYP A 12 0.58 -5.81 -0.22
C HYP A 12 1.10 -4.62 0.59
O HYP A 12 2.11 -4.00 0.23
CB HYP A 12 0.97 -7.12 0.45
CG HYP A 12 2.24 -7.54 -0.21
CD HYP A 12 2.13 -7.06 -1.63
OD1 HYP A 12 2.33 -8.62 -0.18
HA HYP A 12 -0.49 -5.74 -0.31
HB2 HYP A 12 1.12 -6.95 1.51
HB3 HYP A 12 0.20 -7.86 0.31
HG HYP A 12 3.08 -7.07 0.28
HD22 HYP A 12 3.10 -6.77 -2.01
HD23 HYP A 12 1.70 -7.83 -2.26
HD1 HYP A 12 1.86 -8.90 -0.97
N CYS A 13 0.41 -4.31 1.68
CA CYS A 13 0.80 -3.20 2.53
C CYS A 13 1.76 -3.65 3.62
N CYS A 14 2.62 -2.74 4.06
CA CYS A 14 3.62 -3.07 5.09
C CYS A 14 3.04 -2.73 6.48
N NH2 A 15 3.17 -3.69 7.39
HN1 NH2 A 15 2.82 -3.55 8.31
HN2 NH2 A 15 3.62 -4.55 7.14
N CYS A 1 6.94 -1.02 0.41
CA CYS A 1 5.55 -1.23 0.80
C CYS A 1 4.96 0.03 1.42
N CYS A 2 3.65 0.20 1.26
CA CYS A 2 2.97 1.37 1.80
C CYS A 2 1.99 0.97 2.90
N ARG A 3 1.78 1.86 3.85
CA ARG A 3 0.87 1.60 4.97
C ARG A 3 -0.53 2.12 4.66
N LEU A 4 -0.64 3.44 4.49
CA LEU A 4 -1.92 4.07 4.20
C LEU A 4 -2.12 4.19 2.69
N ALA A 5 -1.04 4.51 1.98
CA ALA A 5 -1.10 4.66 0.53
C ALA A 5 -1.11 3.31 -0.17
N CYS A 6 -1.10 2.24 0.63
CA CYS A 6 -1.11 0.89 0.09
C CYS A 6 -2.31 0.68 -0.82
N GLY A 7 -3.34 1.49 -0.64
CA GLY A 7 -4.54 1.37 -1.45
C GLY A 7 -4.38 2.01 -2.82
N LEU A 8 -3.32 2.79 -2.99
CA LEU A 8 -3.06 3.46 -4.25
C LEU A 8 -2.17 2.59 -5.14
N GLY A 9 -2.65 1.39 -5.46
CA GLY A 9 -1.90 0.49 -6.31
C GLY A 9 -0.60 0.04 -5.67
N CYS A 10 -0.59 -0.02 -4.34
CA CYS A 10 0.61 -0.43 -3.61
C CYS A 10 0.27 -1.52 -2.59
N HIS A 11 0.30 -2.78 -3.05
CA HIS A 11 0.00 -3.91 -2.19
C HIS A 11 0.98 -5.05 -2.43
N HYP A 12 1.06 -5.98 -1.47
CA HYP A 12 0.26 -5.92 -0.24
C HYP A 12 0.70 -4.79 0.69
O HYP A 12 1.75 -4.18 0.48
CB HYP A 12 0.52 -7.28 0.42
CG HYP A 12 1.85 -7.71 -0.10
CD HYP A 12 1.94 -7.16 -1.50
OD1 HYP A 12 1.91 -8.78 -0.11
HA HYP A 12 -0.79 -5.82 -0.46
HB2 HYP A 12 0.53 -7.16 1.50
HB3 HYP A 12 -0.25 -7.97 0.14
HG HYP A 12 2.64 -7.29 0.51
HD22 HYP A 12 2.96 -6.88 -1.74
HD23 HYP A 12 1.57 -7.89 -2.21
HD1 HYP A 12 1.54 -9.02 -0.97
N CYS A 13 -0.13 -4.50 1.69
CA CYS A 13 0.18 -3.44 2.64
C CYS A 13 0.99 -3.98 3.82
N CYS A 14 1.79 -3.12 4.41
CA CYS A 14 2.64 -3.52 5.55
C CYS A 14 1.90 -3.23 6.85
N NH2 A 15 1.88 -4.23 7.73
HN1 NH2 A 15 1.42 -4.13 8.61
HN2 NH2 A 15 2.33 -5.09 7.50
N CYS A 1 6.99 -0.70 -0.12
CA CYS A 1 5.62 -0.94 0.36
C CYS A 1 5.03 0.33 0.97
N CYS A 2 3.71 0.46 0.88
CA CYS A 2 3.01 1.62 1.42
C CYS A 2 2.11 1.23 2.58
N ARG A 3 1.93 2.14 3.52
CA ARG A 3 1.08 1.89 4.68
C ARG A 3 -0.34 2.36 4.43
N LEU A 4 -0.51 3.66 4.22
CA LEU A 4 -1.82 4.24 3.98
C LEU A 4 -2.10 4.32 2.48
N ALA A 5 -1.07 4.64 1.70
CA ALA A 5 -1.21 4.74 0.26
C ALA A 5 -1.22 3.36 -0.39
N CYS A 6 -1.13 2.33 0.43
CA CYS A 6 -1.12 0.95 -0.06
C CYS A 6 -2.37 0.67 -0.90
N GLY A 7 -3.42 1.47 -0.68
CA GLY A 7 -4.65 1.29 -1.43
C GLY A 7 -4.58 1.87 -2.83
N LEU A 8 -3.55 2.68 -3.07
CA LEU A 8 -3.38 3.31 -4.38
C LEU A 8 -2.51 2.45 -5.29
N GLY A 9 -2.98 1.22 -5.53
CA GLY A 9 -2.24 0.31 -6.39
C GLY A 9 -0.89 -0.07 -5.81
N CYS A 10 -0.81 -0.09 -4.48
CA CYS A 10 0.44 -0.44 -3.80
C CYS A 10 0.18 -1.51 -2.74
N HIS A 11 0.23 -2.77 -3.15
CA HIS A 11 0.02 -3.89 -2.24
C HIS A 11 1.02 -5.01 -2.50
N HYP A 12 1.17 -5.90 -1.51
CA HYP A 12 0.44 -5.82 -0.24
C HYP A 12 0.88 -4.64 0.62
O HYP A 12 1.90 -4.02 0.35
CB HYP A 12 0.77 -7.15 0.45
CG HYP A 12 2.09 -7.54 -0.12
CD HYP A 12 2.08 -7.05 -1.55
OD1 HYP A 12 2.18 -8.62 -0.11
HA HYP A 12 -0.63 -5.76 -0.41
HB2 HYP A 12 0.84 -6.99 1.52
HB3 HYP A 12 0.00 -7.88 0.23
HG HYP A 12 2.89 -7.09 0.43
HD22 HYP A 12 3.08 -6.75 -1.84
HD23 HYP A 12 1.71 -7.81 -2.21
HD1 HYP A 12 1.78 -8.90 -0.93
N CYS A 13 0.10 -4.35 1.66
CA CYS A 13 0.43 -3.25 2.56
C CYS A 13 1.31 -3.72 3.71
N CYS A 14 2.12 -2.81 4.24
CA CYS A 14 3.04 -3.15 5.33
C CYS A 14 2.36 -2.83 6.66
N NH2 A 15 2.43 -3.80 7.57
HN1 NH2 A 15 2.00 -3.68 8.46
HN2 NH2 A 15 2.88 -4.66 7.35
N CYS A 1 7.05 -0.99 -0.46
CA CYS A 1 5.70 -1.19 0.07
C CYS A 1 5.17 0.08 0.70
N CYS A 2 3.85 0.26 0.66
CA CYS A 2 3.22 1.43 1.24
C CYS A 2 2.35 1.05 2.43
N ARG A 3 2.23 1.97 3.39
CA ARG A 3 1.42 1.73 4.58
C ARG A 3 0.00 2.25 4.39
N LEU A 4 -0.13 3.56 4.21
CA LEU A 4 -1.43 4.18 4.02
C LEU A 4 -1.77 4.28 2.53
N ALA A 5 -0.76 4.58 1.72
CA ALA A 5 -0.96 4.69 0.28
C ALA A 5 -1.03 3.32 -0.38
N CYS A 6 -0.94 2.28 0.43
CA CYS A 6 -1.00 0.91 -0.08
C CYS A 6 -2.28 0.68 -0.86
N GLY A 7 -3.29 1.49 -0.60
CA GLY A 7 -4.56 1.37 -1.30
C GLY A 7 -4.52 1.96 -2.69
N LEU A 8 -3.49 2.74 -2.97
CA LEU A 8 -3.34 3.38 -4.27
C LEU A 8 -2.54 2.49 -5.23
N GLY A 9 -3.05 1.29 -5.47
CA GLY A 9 -2.38 0.37 -6.36
C GLY A 9 -1.02 -0.06 -5.84
N CYS A 10 -0.89 -0.10 -4.51
CA CYS A 10 0.37 -0.50 -3.89
C CYS A 10 0.13 -1.56 -2.81
N HIS A 11 0.12 -2.82 -3.25
CA HIS A 11 -0.10 -3.94 -2.33
C HIS A 11 0.86 -5.09 -2.64
N HYP A 12 1.03 -5.99 -1.67
CA HYP A 12 0.34 -5.90 -0.38
C HYP A 12 0.86 -4.75 0.47
O HYP A 12 1.90 -4.15 0.17
CB HYP A 12 0.67 -7.24 0.29
CG HYP A 12 1.94 -7.69 -0.34
CD HYP A 12 1.91 -7.18 -1.76
OD1 HYP A 12 2.01 -8.76 -0.34
HA HYP A 12 -0.72 -5.81 -0.49
HB2 HYP A 12 0.78 -7.11 1.36
HB3 HYP A 12 -0.13 -7.95 0.10
HG HYP A 12 2.78 -7.26 0.19
HD22 HYP A 12 2.89 -6.90 -2.08
HD23 HYP A 12 1.48 -7.92 -2.41
HD1 HYP A 12 1.56 -9.02 -1.15
N CYS A 13 0.14 -4.45 1.55
CA CYS A 13 0.53 -3.37 2.45
C CYS A 13 1.45 -3.88 3.56
N CYS A 14 2.31 -3.00 4.05
CA CYS A 14 3.25 -3.38 5.11
C CYS A 14 2.63 -3.06 6.47
N NH2 A 15 2.70 -4.03 7.36
HN1 NH2 A 15 2.32 -3.91 8.28
HN2 NH2 A 15 3.13 -4.90 7.12
N CYS A 1 6.98 -0.50 0.01
CA CYS A 1 5.62 -0.78 0.46
C CYS A 1 4.98 0.46 1.06
N CYS A 2 3.65 0.56 0.95
CA CYS A 2 2.92 1.70 1.48
C CYS A 2 2.01 1.28 2.63
N ARG A 3 1.79 2.19 3.57
CA ARG A 3 0.93 1.91 4.71
C ARG A 3 -0.50 2.34 4.45
N LEU A 4 -0.70 3.64 4.24
CA LEU A 4 -2.03 4.18 3.97
C LEU A 4 -2.29 4.25 2.47
N ALA A 5 -1.25 4.60 1.71
CA ALA A 5 -1.38 4.71 0.26
C ALA A 5 -1.33 3.32 -0.39
N CYS A 6 -1.23 2.30 0.43
CA CYS A 6 -1.18 0.92 -0.07
C CYS A 6 -2.40 0.60 -0.92
N GLY A 7 -3.47 1.37 -0.72
CA GLY A 7 -4.69 1.16 -1.48
C GLY A 7 -4.61 1.74 -2.87
N LEU A 8 -3.61 2.59 -3.10
CA LEU A 8 -3.42 3.23 -4.40
C LEU A 8 -2.53 2.38 -5.30
N GLY A 9 -2.95 1.15 -5.56
CA GLY A 9 -2.18 0.26 -6.41
C GLY A 9 -0.83 -0.08 -5.80
N CYS A 10 -0.77 -0.11 -4.47
CA CYS A 10 0.47 -0.42 -3.77
C CYS A 10 0.25 -1.50 -2.72
N HIS A 11 0.33 -2.75 -3.13
CA HIS A 11 0.12 -3.88 -2.22
C HIS A 11 1.17 -4.97 -2.47
N HYP A 12 1.34 -5.86 -1.48
CA HYP A 12 0.57 -5.80 -0.23
C HYP A 12 0.98 -4.62 0.64
O HYP A 12 1.99 -3.96 0.38
CB HYP A 12 0.94 -7.12 0.47
CG HYP A 12 2.28 -7.49 -0.09
CD HYP A 12 2.28 -6.98 -1.51
OD1 HYP A 12 2.41 -8.56 -0.07
HA HYP A 12 -0.49 -5.77 -0.41
HB2 HYP A 12 0.98 -6.97 1.53
HB3 HYP A 12 0.20 -7.88 0.24
HG HYP A 12 3.06 -7.01 0.48
HD22 HYP A 12 3.27 -6.65 -1.79
HD23 HYP A 12 1.93 -7.77 -2.18
HD1 HYP A 12 2.01 -8.85 -0.91
N CYS A 13 0.18 -4.35 1.67
CA CYS A 13 0.45 -3.24 2.58
C CYS A 13 1.34 -3.69 3.75
N CYS A 14 2.12 -2.76 4.28
CA CYS A 14 3.03 -3.08 5.38
C CYS A 14 2.32 -2.78 6.71
N NH2 A 15 2.39 -3.75 7.61
HN1 NH2 A 15 1.95 -3.65 8.50
HN2 NH2 A 15 2.89 -4.60 7.40
N CYS A 1 7.00 -0.92 -0.19
CA CYS A 1 5.63 -1.16 0.28
C CYS A 1 5.05 0.10 0.92
N CYS A 2 3.73 0.25 0.84
CA CYS A 2 3.06 1.41 1.42
C CYS A 2 2.16 0.98 2.57
N ARG A 3 1.98 1.88 3.54
CA ARG A 3 1.14 1.60 4.70
C ARG A 3 -0.28 2.10 4.47
N LEU A 4 -0.43 3.41 4.31
CA LEU A 4 -1.74 4.01 4.08
C LEU A 4 -2.03 4.14 2.59
N ALA A 5 -1.00 4.46 1.81
CA ALA A 5 -1.14 4.61 0.37
C ALA A 5 -1.17 3.24 -0.32
N CYS A 6 -1.09 2.18 0.47
CA CYS A 6 -1.10 0.83 -0.06
C CYS A 6 -2.35 0.58 -0.89
N GLY A 7 -3.38 1.39 -0.65
CA GLY A 7 -4.62 1.24 -1.40
C GLY A 7 -4.55 1.87 -2.78
N LEU A 8 -3.52 2.67 -3.01
CA LEU A 8 -3.33 3.33 -4.29
C LEU A 8 -2.49 2.48 -5.23
N GLY A 9 -2.97 1.27 -5.51
CA GLY A 9 -2.25 0.38 -6.40
C GLY A 9 -0.90 -0.04 -5.83
N CYS A 10 -0.81 -0.09 -4.51
CA CYS A 10 0.42 -0.48 -3.83
C CYS A 10 0.17 -1.57 -2.80
N HIS A 11 0.20 -2.82 -3.25
CA HIS A 11 -0.02 -3.96 -2.36
C HIS A 11 0.96 -5.09 -2.67
N HYP A 12 1.12 -6.00 -1.71
CA HYP A 12 0.39 -5.96 -0.43
C HYP A 12 0.85 -4.81 0.45
O HYP A 12 1.88 -4.18 0.20
CB HYP A 12 0.71 -7.30 0.22
CG HYP A 12 2.01 -7.70 -0.38
CD HYP A 12 2.02 -7.17 -1.78
OD1 HYP A 12 2.10 -8.78 -0.39
HA HYP A 12 -0.68 -5.88 -0.59
HB2 HYP A 12 0.78 -7.19 1.29
HB3 HYP A 12 -0.06 -8.02 -0.02
HG HYP A 12 2.83 -7.27 0.19
HD22 HYP A 12 3.01 -6.87 -2.07
HD23 HYP A 12 1.63 -7.91 -2.47
HD1 HYP A 12 1.69 -9.03 -1.22
N CYS A 13 0.09 -4.54 1.51
CA CYS A 13 0.42 -3.47 2.44
C CYS A 13 1.30 -3.98 3.57
N CYS A 14 2.13 -3.10 4.11
CA CYS A 14 3.05 -3.48 5.19
C CYS A 14 2.38 -3.19 6.54
N NH2 A 15 2.43 -4.19 7.42
HN1 NH2 A 15 2.01 -4.09 8.32
HN2 NH2 A 15 2.89 -5.04 7.17
N CYS A 1 7.06 -0.79 -0.51
CA CYS A 1 5.72 -1.02 0.02
C CYS A 1 5.15 0.24 0.66
N CYS A 2 3.83 0.38 0.63
CA CYS A 2 3.17 1.54 1.21
C CYS A 2 2.31 1.14 2.40
N ARG A 3 2.17 2.06 3.36
CA ARG A 3 1.39 1.80 4.56
C ARG A 3 -0.05 2.28 4.37
N LEU A 4 -0.22 3.59 4.19
CA LEU A 4 -1.53 4.17 3.99
C LEU A 4 -1.90 4.25 2.51
N ALA A 5 -0.90 4.58 1.69
CA ALA A 5 -1.11 4.68 0.26
C ALA A 5 -1.14 3.30 -0.40
N CYS A 6 -1.02 2.26 0.42
CA CYS A 6 -1.04 0.89 -0.08
C CYS A 6 -2.33 0.61 -0.86
N GLY A 7 -3.36 1.41 -0.60
CA GLY A 7 -4.62 1.23 -1.28
C GLY A 7 -4.61 1.82 -2.68
N LEU A 8 -3.60 2.64 -2.97
CA LEU A 8 -3.47 3.27 -4.28
C LEU A 8 -2.67 2.40 -5.23
N GLY A 9 -3.14 1.18 -5.46
CA GLY A 9 -2.44 0.27 -6.35
C GLY A 9 -1.07 -0.12 -5.83
N CYS A 10 -0.93 -0.14 -4.52
CA CYS A 10 0.33 -0.50 -3.89
C CYS A 10 0.14 -1.57 -2.82
N HIS A 11 0.16 -2.83 -3.24
CA HIS A 11 -0.02 -3.95 -2.32
C HIS A 11 0.97 -5.07 -2.63
N HYP A 12 1.17 -5.97 -1.65
CA HYP A 12 0.49 -5.89 -0.35
C HYP A 12 0.98 -4.72 0.49
O HYP A 12 1.99 -4.09 0.17
CB HYP A 12 0.86 -7.22 0.32
CG HYP A 12 2.15 -7.62 -0.32
CD HYP A 12 2.07 -7.12 -1.73
OD1 HYP A 12 2.24 -8.70 -0.31
HA HYP A 12 -0.58 -5.82 -0.47
HB2 HYP A 12 0.97 -7.06 1.38
HB3 HYP A 12 0.08 -7.94 0.13
HG HYP A 12 2.97 -7.16 0.20
HD22 HYP A 12 3.06 -6.82 -2.08
HD23 HYP A 12 1.67 -7.88 -2.38
HD1 HYP A 12 1.79 -8.97 -1.12
N CYS A 13 0.26 -4.42 1.56
CA CYS A 13 0.62 -3.33 2.45
C CYS A 13 1.55 -3.80 3.57
N CYS A 14 2.40 -2.90 4.04
CA CYS A 14 3.36 -3.24 5.10
C CYS A 14 2.74 -2.93 6.46
N NH2 A 15 2.84 -3.91 7.37
HN1 NH2 A 15 2.45 -3.78 8.28
HN2 NH2 A 15 3.30 -4.76 7.12
N CYS A 1 7.00 -0.61 -0.20
CA CYS A 1 5.65 -0.87 0.27
C CYS A 1 5.03 0.38 0.89
N CYS A 2 3.71 0.49 0.82
CA CYS A 2 3.00 1.63 1.37
C CYS A 2 2.11 1.21 2.53
N ARG A 3 1.92 2.12 3.48
CA ARG A 3 1.08 1.85 4.64
C ARG A 3 -0.36 2.29 4.40
N LEU A 4 -0.54 3.59 4.21
CA LEU A 4 -1.87 4.15 3.97
C LEU A 4 -2.17 4.23 2.48
N ALA A 5 -1.14 4.57 1.70
CA ALA A 5 -1.30 4.68 0.26
C ALA A 5 -1.28 3.30 -0.41
N CYS A 6 -1.17 2.27 0.41
CA CYS A 6 -1.14 0.90 -0.10
C CYS A 6 -2.38 0.60 -0.93
N GLY A 7 -3.44 1.37 -0.69
CA GLY A 7 -4.68 1.18 -1.43
C GLY A 7 -4.63 1.77 -2.83
N LEU A 8 -3.62 2.60 -3.07
CA LEU A 8 -3.46 3.24 -4.37
C LEU A 8 -2.59 2.39 -5.30
N GLY A 9 -3.03 1.17 -5.55
CA GLY A 9 -2.28 0.28 -6.42
C GLY A 9 -0.93 -0.09 -5.85
N CYS A 10 -0.83 -0.11 -4.52
CA CYS A 10 0.42 -0.44 -3.85
C CYS A 10 0.20 -1.52 -2.79
N HIS A 11 0.26 -2.78 -3.21
CA HIS A 11 0.07 -3.90 -2.31
C HIS A 11 1.09 -5.01 -2.57
N HYP A 12 1.27 -5.90 -1.59
CA HYP A 12 0.54 -5.85 -0.33
C HYP A 12 0.97 -4.67 0.54
O HYP A 12 1.98 -4.02 0.26
CB HYP A 12 0.90 -7.17 0.35
CG HYP A 12 2.23 -7.54 -0.23
CD HYP A 12 2.21 -7.04 -1.65
OD1 HYP A 12 2.33 -8.61 -0.22
HA HYP A 12 -0.52 -5.81 -0.49
HB2 HYP A 12 0.97 -7.02 1.42
HB3 HYP A 12 0.15 -7.91 0.13
HG HYP A 12 3.02 -7.08 0.32
HD22 HYP A 12 3.19 -6.72 -1.95
HD23 HYP A 12 1.84 -7.81 -2.31
HD1 HYP A 12 1.93 -8.89 -1.05
N CYS A 13 0.20 -4.39 1.59
CA CYS A 13 0.50 -3.29 2.50
C CYS A 13 1.40 -3.76 3.63
N CYS A 14 2.21 -2.84 4.16
CA CYS A 14 3.14 -3.16 5.24
C CYS A 14 2.45 -2.87 6.59
N NH2 A 15 2.54 -3.84 7.48
HN1 NH2 A 15 2.11 -3.74 8.39
HN2 NH2 A 15 3.01 -4.69 7.26
N CYS A 1 6.92 -0.84 0.37
CA CYS A 1 5.54 -1.09 0.77
C CYS A 1 4.92 0.16 1.37
N CYS A 2 3.60 0.30 1.21
CA CYS A 2 2.89 1.45 1.76
C CYS A 2 1.91 1.02 2.85
N ARG A 3 1.68 1.91 3.81
CA ARG A 3 0.77 1.63 4.91
C ARG A 3 -0.65 2.11 4.59
N LEU A 4 -0.78 3.42 4.44
CA LEU A 4 -2.08 4.02 4.13
C LEU A 4 -2.27 4.15 2.62
N ALA A 5 -1.20 4.49 1.91
CA ALA A 5 -1.26 4.65 0.47
C ALA A 5 -1.23 3.29 -0.23
N CYS A 6 -1.19 2.22 0.56
CA CYS A 6 -1.17 0.86 0.02
C CYS A 6 -2.37 0.62 -0.89
N GLY A 7 -3.42 1.42 -0.71
CA GLY A 7 -4.61 1.27 -1.53
C GLY A 7 -4.45 1.91 -2.89
N LEU A 8 -3.41 2.72 -3.06
CA LEU A 8 -3.15 3.39 -4.32
C LEU A 8 -2.25 2.54 -5.22
N GLY A 9 -2.70 1.33 -5.53
CA GLY A 9 -1.92 0.45 -6.38
C GLY A 9 -0.61 0.04 -5.73
N CYS A 10 -0.60 -0.03 -4.40
CA CYS A 10 0.59 -0.41 -3.66
C CYS A 10 0.28 -1.52 -2.65
N HIS A 11 0.34 -2.76 -3.11
CA HIS A 11 0.06 -3.90 -2.25
C HIS A 11 1.07 -5.03 -2.48
N HYP A 12 1.16 -5.95 -1.52
CA HYP A 12 0.36 -5.91 -0.30
C HYP A 12 0.77 -4.76 0.62
O HYP A 12 1.81 -4.13 0.43
CB HYP A 12 0.65 -7.26 0.36
CG HYP A 12 2.00 -7.66 -0.16
CD HYP A 12 2.08 -7.11 -1.56
OD1 HYP A 12 2.08 -8.72 -0.16
HA HYP A 12 -0.69 -5.83 -0.52
HB2 HYP A 12 0.66 -7.14 1.44
HB3 HYP A 12 -0.10 -7.97 0.07
HG HYP A 12 2.77 -7.22 0.47
HD22 HYP A 12 3.08 -6.80 -1.78
HD23 HYP A 12 1.74 -7.85 -2.27
HD1 HYP A 12 1.72 -8.97 -1.02
N CYS A 13 -0.06 -4.50 1.63
CA CYS A 13 0.21 -3.43 2.58
C CYS A 13 1.02 -3.95 3.77
N CYS A 14 1.82 -3.07 4.36
CA CYS A 14 2.66 -3.45 5.49
C CYS A 14 1.90 -3.18 6.80
N NH2 A 15 1.91 -4.18 7.67
HN1 NH2 A 15 1.44 -4.09 8.55
HN2 NH2 A 15 2.38 -5.04 7.45
N CYS A 1 6.98 -0.70 -0.26
CA CYS A 1 5.64 -0.95 0.23
C CYS A 1 5.04 0.30 0.86
N CYS A 2 3.72 0.42 0.78
CA CYS A 2 3.03 1.58 1.35
C CYS A 2 2.13 1.16 2.52
N ARG A 3 1.96 2.07 3.47
CA ARG A 3 1.14 1.81 4.65
C ARG A 3 -0.30 2.27 4.42
N LEU A 4 -0.46 3.58 4.23
CA LEU A 4 -1.79 4.16 4.00
C LEU A 4 -2.09 4.25 2.52
N ALA A 5 -1.07 4.58 1.73
CA ALA A 5 -1.23 4.69 0.27
C ALA A 5 -1.24 3.32 -0.38
N CYS A 6 -1.14 2.27 0.43
CA CYS A 6 -1.13 0.91 -0.08
C CYS A 6 -2.38 0.63 -0.90
N GLY A 7 -3.43 1.42 -0.67
CA GLY A 7 -4.67 1.24 -1.39
C GLY A 7 -4.63 1.84 -2.78
N LEU A 8 -3.61 2.66 -3.04
CA LEU A 8 -3.45 3.30 -4.33
C LEU A 8 -2.60 2.44 -5.27
N GLY A 9 -3.06 1.23 -5.52
CA GLY A 9 -2.33 0.32 -6.40
C GLY A 9 -0.97 -0.06 -5.83
N CYS A 10 -0.87 -0.09 -4.51
CA CYS A 10 0.38 -0.45 -3.84
C CYS A 10 0.15 -1.52 -2.79
N HIS A 11 0.19 -2.78 -3.22
CA HIS A 11 0.00 -3.90 -2.31
C HIS A 11 1.00 -5.02 -2.60
N HYP A 12 1.18 -5.92 -1.62
CA HYP A 12 0.46 -5.85 -0.35
C HYP A 12 0.91 -4.69 0.52
O HYP A 12 1.93 -4.05 0.25
CB HYP A 12 0.80 -7.18 0.33
CG HYP A 12 2.12 -7.58 -0.28
CD HYP A 12 2.09 -7.07 -1.69
OD1 HYP A 12 2.21 -8.65 -0.27
HA HYP A 12 -0.62 -5.80 -0.50
HB2 HYP A 12 0.89 -7.04 1.40
HB3 HYP A 12 0.04 -7.91 0.11
HG HYP A 12 2.92 -7.12 0.28
HD22 HYP A 12 3.08 -6.76 -1.99
HD23 HYP A 12 1.71 -7.83 -2.36
HD1 HYP A 12 1.80 -8.92 -1.09
N CYS A 13 0.15 -4.40 1.57
CA CYS A 13 0.47 -3.31 2.48
C CYS A 13 1.38 -3.79 3.61
N CYS A 14 2.20 -2.89 4.13
CA CYS A 14 3.13 -3.23 5.21
C CYS A 14 2.46 -2.93 6.56
N NH2 A 15 2.54 -3.92 7.45
HN1 NH2 A 15 2.13 -3.80 8.36
HN2 NH2 A 15 3.01 -4.76 7.22
N CYS A 1 7.03 -0.60 -0.31
CA CYS A 1 5.67 -0.86 0.19
C CYS A 1 5.08 0.40 0.80
N CYS A 2 3.75 0.51 0.74
CA CYS A 2 3.06 1.67 1.30
C CYS A 2 2.18 1.26 2.48
N ARG A 3 2.00 2.19 3.42
CA ARG A 3 1.19 1.93 4.60
C ARG A 3 -0.25 2.38 4.38
N LEU A 4 -0.43 3.68 4.18
CA LEU A 4 -1.76 4.24 3.95
C LEU A 4 -2.08 4.31 2.46
N ALA A 5 -1.07 4.64 1.67
CA ALA A 5 -1.24 4.73 0.22
C ALA A 5 -1.24 3.35 -0.43
N CYS A 6 -1.12 2.32 0.40
CA CYS A 6 -1.11 0.94 -0.10
C CYS A 6 -2.37 0.65 -0.90
N GLY A 7 -3.42 1.43 -0.67
CA GLY A 7 -4.66 1.23 -1.38
C GLY A 7 -4.63 1.81 -2.78
N LEU A 8 -3.62 2.64 -3.05
CA LEU A 8 -3.48 3.27 -4.36
C LEU A 8 -2.63 2.40 -5.28
N GLY A 9 -3.08 1.17 -5.52
CA GLY A 9 -2.35 0.27 -6.39
C GLY A 9 -0.99 -0.09 -5.83
N CYS A 10 -0.88 -0.11 -4.51
CA CYS A 10 0.39 -0.44 -3.85
C CYS A 10 0.18 -1.51 -2.78
N HIS A 11 0.22 -2.77 -3.20
CA HIS A 11 0.04 -3.89 -2.27
C HIS A 11 1.05 -5.00 -2.56
N HYP A 12 1.25 -5.88 -1.56
CA HYP A 12 0.53 -5.81 -0.28
C HYP A 12 0.99 -4.63 0.57
O HYP A 12 1.99 -3.99 0.27
CB HYP A 12 0.90 -7.12 0.40
CG HYP A 12 2.21 -7.51 -0.20
CD HYP A 12 2.17 -7.02 -1.62
OD1 HYP A 12 2.32 -8.59 -0.18
HA HYP A 12 -0.54 -5.76 -0.43
HB2 HYP A 12 0.99 -6.97 1.46
HB3 HYP A 12 0.14 -7.87 0.20
HG HYP A 12 3.01 -7.04 0.34
HD22 HYP A 12 3.16 -6.70 -1.94
HD23 HYP A 12 1.79 -7.79 -2.27
HD1 HYP A 12 1.89 -8.87 -0.99
N CYS A 13 0.23 -4.34 1.62
CA CYS A 13 0.55 -3.22 2.51
C CYS A 13 1.47 -3.69 3.65
N CYS A 14 2.28 -2.76 4.15
CA CYS A 14 3.23 -3.09 5.22
C CYS A 14 2.57 -2.78 6.57
N NH2 A 15 2.66 -3.75 7.48
HN1 NH2 A 15 2.25 -3.63 8.38
HN2 NH2 A 15 3.13 -4.59 7.24
N CYS A 1 7.00 -0.89 -0.31
CA CYS A 1 5.64 -1.12 0.18
C CYS A 1 5.08 0.14 0.82
N CYS A 2 3.76 0.28 0.77
CA CYS A 2 3.09 1.45 1.34
C CYS A 2 2.20 1.05 2.51
N ARG A 3 2.05 1.94 3.47
CA ARG A 3 1.23 1.68 4.65
C ARG A 3 -0.20 2.18 4.43
N LEU A 4 -0.34 3.49 4.26
CA LEU A 4 -1.66 4.09 4.05
C LEU A 4 -1.97 4.20 2.56
N ALA A 5 -0.95 4.51 1.77
CA ALA A 5 -1.12 4.65 0.33
C ALA A 5 -1.16 3.28 -0.35
N CYS A 6 -1.07 2.23 0.45
CA CYS A 6 -1.09 0.86 -0.07
C CYS A 6 -2.35 0.62 -0.88
N GLY A 7 -3.39 1.42 -0.63
CA GLY A 7 -4.63 1.27 -1.35
C GLY A 7 -4.58 1.89 -2.74
N LEU A 8 -3.55 2.69 -2.99
CA LEU A 8 -3.40 3.34 -4.29
C LEU A 8 -2.56 2.48 -5.22
N GLY A 9 -3.05 1.26 -5.49
CA GLY A 9 -2.34 0.36 -6.38
C GLY A 9 -0.99 -0.05 -5.83
N CYS A 10 -0.88 -0.10 -4.51
CA CYS A 10 0.38 -0.47 -3.86
C CYS A 10 0.13 -1.56 -2.81
N HIS A 11 0.15 -2.81 -3.25
CA HIS A 11 -0.06 -3.94 -2.35
C HIS A 11 0.91 -5.07 -2.65
N HYP A 12 1.08 -5.98 -1.69
CA HYP A 12 0.37 -5.93 -0.40
C HYP A 12 0.86 -4.77 0.47
O HYP A 12 1.88 -4.15 0.18
CB HYP A 12 0.71 -7.26 0.26
CG HYP A 12 2.00 -7.67 -0.36
CD HYP A 12 1.98 -7.15 -1.77
OD1 HYP A 12 2.09 -8.75 -0.36
HA HYP A 12 -0.69 -5.84 -0.55
HB2 HYP A 12 0.80 -7.13 1.33
HB3 HYP A 12 -0.07 -7.98 0.04
HG HYP A 12 2.82 -7.23 0.20
HD22 HYP A 12 2.98 -6.85 -2.08
HD23 HYP A 12 1.58 -7.90 -2.44
HD1 HYP A 12 1.66 -9.01 -1.18
N CYS A 13 0.11 -4.49 1.53
CA CYS A 13 0.46 -3.40 2.45
C CYS A 13 1.36 -3.91 3.56
N CYS A 14 2.20 -3.03 4.09
CA CYS A 14 3.13 -3.39 5.15
C CYS A 14 2.48 -3.09 6.52
N NH2 A 15 2.54 -4.09 7.40
HN1 NH2 A 15 2.14 -3.97 8.31
HN2 NH2 A 15 3.00 -4.94 7.15
N CYS A 1 6.98 -0.93 -0.33
CA CYS A 1 5.62 -1.16 0.16
C CYS A 1 5.05 0.09 0.81
N CYS A 2 3.73 0.24 0.74
CA CYS A 2 3.07 1.40 1.33
C CYS A 2 2.18 0.99 2.49
N ARG A 3 2.02 1.88 3.46
CA ARG A 3 1.20 1.62 4.63
C ARG A 3 -0.23 2.11 4.42
N LEU A 4 -0.39 3.42 4.25
CA LEU A 4 -1.69 4.02 4.04
C LEU A 4 -2.00 4.14 2.56
N ALA A 5 -0.98 4.46 1.76
CA ALA A 5 -1.14 4.60 0.32
C ALA A 5 -1.18 3.23 -0.36
N CYS A 6 -1.09 2.18 0.44
CA CYS A 6 -1.11 0.82 -0.09
C CYS A 6 -2.37 0.57 -0.91
N GLY A 7 -3.40 1.38 -0.66
CA GLY A 7 -4.65 1.23 -1.39
C GLY A 7 -4.60 1.85 -2.77
N LEU A 8 -3.57 2.65 -3.01
CA LEU A 8 -3.40 3.31 -4.30
C LEU A 8 -2.57 2.45 -5.24
N GLY A 9 -3.06 1.24 -5.52
CA GLY A 9 -2.34 0.34 -6.41
C GLY A 9 -0.99 -0.07 -5.86
N CYS A 10 -0.88 -0.12 -4.54
CA CYS A 10 0.36 -0.51 -3.88
C CYS A 10 0.12 -1.60 -2.84
N HIS A 11 0.15 -2.84 -3.29
CA HIS A 11 -0.07 -3.98 -2.40
C HIS A 11 0.91 -5.10 -2.70
N HYP A 12 1.08 -6.02 -1.73
CA HYP A 12 0.37 -5.97 -0.47
C HYP A 12 0.84 -4.81 0.42
O HYP A 12 1.87 -4.20 0.14
CB HYP A 12 0.70 -7.31 0.19
CG HYP A 12 1.99 -7.72 -0.42
CD HYP A 12 1.97 -7.19 -1.83
OD1 HYP A 12 2.07 -8.79 -0.43
HA HYP A 12 -0.70 -5.89 -0.60
HB2 HYP A 12 0.79 -7.19 1.25
HB3 HYP A 12 -0.09 -8.03 -0.03
HG HYP A 12 2.82 -7.28 0.13
HD22 HYP A 12 2.97 -6.89 -2.14
HD23 HYP A 12 1.58 -7.93 -2.51
HD1 HYP A 12 1.65 -9.04 -1.26
N CYS A 13 0.09 -4.54 1.48
CA CYS A 13 0.43 -3.46 2.40
C CYS A 13 1.34 -3.97 3.53
N CYS A 14 2.17 -3.09 4.06
CA CYS A 14 3.10 -3.46 5.11
C CYS A 14 2.45 -3.18 6.47
N NH2 A 15 2.51 -4.17 7.36
HN1 NH2 A 15 2.11 -4.07 8.27
HN2 NH2 A 15 2.97 -5.02 7.11
N CYS A 1 6.98 -0.62 -0.14
CA CYS A 1 5.62 -0.89 0.32
C CYS A 1 5.01 0.36 0.95
N CYS A 2 3.68 0.47 0.86
CA CYS A 2 2.96 1.62 1.41
C CYS A 2 2.07 1.20 2.57
N ARG A 3 1.87 2.10 3.52
CA ARG A 3 1.02 1.82 4.68
C ARG A 3 -0.41 2.27 4.43
N LEU A 4 -0.59 3.57 4.25
CA LEU A 4 -1.91 4.13 3.99
C LEU A 4 -2.21 4.22 2.51
N ALA A 5 -1.18 4.56 1.73
CA ALA A 5 -1.32 4.67 0.28
C ALA A 5 -1.30 3.30 -0.38
N CYS A 6 -1.20 2.26 0.43
CA CYS A 6 -1.16 0.89 -0.08
C CYS A 6 -2.40 0.60 -0.92
N GLY A 7 -3.46 1.37 -0.69
CA GLY A 7 -4.69 1.18 -1.44
C GLY A 7 -4.63 1.78 -2.82
N LEU A 8 -3.62 2.61 -3.06
CA LEU A 8 -3.45 3.26 -4.36
C LEU A 8 -2.58 2.41 -5.28
N GLY A 9 -3.02 1.18 -5.54
CA GLY A 9 -2.27 0.29 -6.41
C GLY A 9 -0.91 -0.07 -5.83
N CYS A 10 -0.83 -0.11 -4.50
CA CYS A 10 0.42 -0.44 -3.82
C CYS A 10 0.19 -1.52 -2.77
N HIS A 11 0.25 -2.78 -3.20
CA HIS A 11 0.06 -3.90 -2.29
C HIS A 11 1.08 -5.00 -2.56
N HYP A 12 1.25 -5.90 -1.58
CA HYP A 12 0.51 -5.85 -0.32
C HYP A 12 0.94 -4.68 0.55
O HYP A 12 1.95 -4.03 0.29
CB HYP A 12 0.87 -7.18 0.36
CG HYP A 12 2.20 -7.55 -0.22
CD HYP A 12 2.19 -7.05 -1.63
OD1 HYP A 12 2.31 -8.63 -0.21
HA HYP A 12 -0.55 -5.81 -0.48
HB2 HYP A 12 0.94 -7.04 1.43
HB3 HYP A 12 0.12 -7.91 0.14
HG HYP A 12 2.99 -7.09 0.34
HD22 HYP A 12 3.17 -6.72 -1.93
HD23 HYP A 12 1.82 -7.81 -2.31
HD1 HYP A 12 1.91 -8.90 -1.04
N CYS A 13 0.16 -4.41 1.59
CA CYS A 13 0.46 -3.31 2.51
C CYS A 13 1.36 -3.78 3.65
N CYS A 14 2.15 -2.86 4.19
CA CYS A 14 3.08 -3.19 5.28
C CYS A 14 2.39 -2.90 6.62
N NH2 A 15 2.47 -3.88 7.51
HN1 NH2 A 15 2.04 -3.78 8.41
HN2 NH2 A 15 2.95 -4.72 7.28
N CYS A 1 7.01 -0.65 -0.23
CA CYS A 1 5.65 -0.91 0.25
C CYS A 1 5.05 0.36 0.86
N CYS A 2 3.73 0.47 0.79
CA CYS A 2 3.03 1.63 1.34
C CYS A 2 2.14 1.22 2.51
N ARG A 3 1.96 2.14 3.45
CA ARG A 3 1.13 1.88 4.62
C ARG A 3 -0.31 2.33 4.38
N LEU A 4 -0.49 3.63 4.19
CA LEU A 4 -1.81 4.20 3.95
C LEU A 4 -2.11 4.27 2.46
N ALA A 5 -1.09 4.61 1.67
CA ALA A 5 -1.25 4.71 0.23
C ALA A 5 -1.24 3.33 -0.43
N CYS A 6 -1.14 2.29 0.40
CA CYS A 6 -1.12 0.92 -0.10
C CYS A 6 -2.37 0.63 -0.92
N GLY A 7 -3.42 1.41 -0.70
CA GLY A 7 -4.66 1.22 -1.43
C GLY A 7 -4.61 1.80 -2.83
N LEU A 8 -3.60 2.63 -3.08
CA LEU A 8 -3.43 3.26 -4.39
C LEU A 8 -2.57 2.39 -5.30
N GLY A 9 -3.03 1.17 -5.55
CA GLY A 9 -2.29 0.27 -6.42
C GLY A 9 -0.93 -0.10 -5.84
N CYS A 10 -0.83 -0.12 -4.52
CA CYS A 10 0.41 -0.46 -3.85
C CYS A 10 0.19 -1.53 -2.79
N HIS A 11 0.24 -2.79 -3.20
CA HIS A 11 0.05 -3.90 -2.28
C HIS A 11 1.06 -5.01 -2.56
N HYP A 12 1.23 -5.91 -1.57
CA HYP A 12 0.51 -5.84 -0.30
C HYP A 12 0.95 -4.66 0.55
O HYP A 12 1.97 -4.02 0.28
CB HYP A 12 0.86 -7.15 0.39
CG HYP A 12 2.18 -7.55 -0.20
CD HYP A 12 2.15 -7.05 -1.62
OD1 HYP A 12 2.29 -8.62 -0.18
HA HYP A 12 -0.56 -5.79 -0.45
HB2 HYP A 12 0.94 -7.00 1.45
HB3 HYP A 12 0.10 -7.90 0.18
HG HYP A 12 2.98 -7.08 0.35
HD22 HYP A 12 3.15 -6.74 -1.93
HD23 HYP A 12 1.79 -7.82 -2.28
HD1 HYP A 12 1.87 -8.90 -1.00
N CYS A 13 0.19 -4.37 1.61
CA CYS A 13 0.50 -3.27 2.50
C CYS A 13 1.40 -3.73 3.64
N CYS A 14 2.21 -2.82 4.16
CA CYS A 14 3.15 -3.14 5.24
C CYS A 14 2.47 -2.83 6.59
N NH2 A 15 2.55 -3.80 7.49
HN1 NH2 A 15 2.13 -3.69 8.39
HN2 NH2 A 15 3.03 -4.66 7.26
N CYS A 1 7.00 -0.59 -0.23
CA CYS A 1 5.66 -0.87 0.25
C CYS A 1 5.04 0.39 0.88
N CYS A 2 3.72 0.49 0.79
CA CYS A 2 3.01 1.64 1.36
C CYS A 2 2.11 1.21 2.52
N ARG A 3 1.92 2.12 3.47
CA ARG A 3 1.10 1.85 4.64
C ARG A 3 -0.34 2.29 4.41
N LEU A 4 -0.52 3.59 4.21
CA LEU A 4 -1.86 4.15 3.98
C LEU A 4 -2.17 4.23 2.49
N ALA A 5 -1.14 4.57 1.70
CA ALA A 5 -1.30 4.68 0.26
C ALA A 5 -1.29 3.30 -0.40
N CYS A 6 -1.16 2.26 0.42
CA CYS A 6 -1.13 0.90 -0.09
C CYS A 6 -2.38 0.59 -0.92
N GLY A 7 -3.44 1.37 -0.68
CA GLY A 7 -4.68 1.16 -1.42
C GLY A 7 -4.63 1.76 -2.80
N LEU A 8 -3.63 2.60 -3.06
CA LEU A 8 -3.47 3.24 -4.36
C LEU A 8 -2.61 2.38 -5.28
N GLY A 9 -3.04 1.16 -5.54
CA GLY A 9 -2.30 0.27 -6.40
C GLY A 9 -0.95 -0.09 -5.84
N CYS A 10 -0.84 -0.12 -4.51
CA CYS A 10 0.41 -0.44 -3.85
C CYS A 10 0.19 -1.53 -2.79
N HIS A 11 0.26 -2.78 -3.21
CA HIS A 11 0.08 -3.90 -2.30
C HIS A 11 1.10 -5.01 -2.58
N HYP A 12 1.28 -5.90 -1.60
CA HYP A 12 0.56 -5.84 -0.32
C HYP A 12 0.99 -4.67 0.54
O HYP A 12 2.00 -4.01 0.25
CB HYP A 12 0.93 -7.17 0.35
CG HYP A 12 2.25 -7.54 -0.24
CD HYP A 12 2.22 -7.04 -1.66
OD1 HYP A 12 2.36 -8.61 -0.22
HA HYP A 12 -0.51 -5.81 -0.47
HB2 HYP A 12 1.00 -7.02 1.42
HB3 HYP A 12 0.18 -7.91 0.14
HG HYP A 12 3.04 -7.06 0.31
HD22 HYP A 12 3.21 -6.70 -1.96
HD23 HYP A 12 1.86 -7.80 -2.32
HD1 HYP A 12 1.95 -8.89 -1.05
N CYS A 13 0.23 -4.39 1.59
CA CYS A 13 0.53 -3.28 2.49
C CYS A 13 1.43 -3.75 3.63
N CYS A 14 2.24 -2.83 4.15
CA CYS A 14 3.17 -3.16 5.23
C CYS A 14 2.50 -2.87 6.58
N NH2 A 15 2.59 -3.84 7.47
HN1 NH2 A 15 2.17 -3.73 8.39
HN2 NH2 A 15 3.06 -4.68 7.25
#